data_1YTZ
#
_entry.id   1YTZ
#
_cell.length_a   138.608
_cell.length_b   138.608
_cell.length_c   83.676
_cell.angle_alpha   90.00
_cell.angle_beta   90.00
_cell.angle_gamma   90.00
#
_symmetry.space_group_name_H-M   'P 43 21 2'
#
loop_
_entity.id
_entity.type
_entity.pdbx_description
1 polymer 'Troponin T'
2 polymer 'Troponin I'
3 polymer 'Troponin C'
4 non-polymer 'ALPHA-[4-(1,1,3,3 - TETRAMETHYLBUTYL)PHENYL]-OMEGA-HYDROXY-POLY(OXY-1,2-ETHANEDIYL)'
5 non-polymer 'CALCIUM ION'
6 water water
#
loop_
_entity_poly.entity_id
_entity_poly.type
_entity_poly.pdbx_seq_one_letter_code
_entity_poly.pdbx_strand_id
1 'polypeptide(L)'
;MGASYSSYLAKADQKRGKKQTARETKKKVLAERRKPLNIDHLNEDKLRDKAKELWDWLYQLQTEKYDFAEQIKRKKYEIV
TLRNRIDQAQKHSKKAGAKGKVGGRWK
;
T
2 'polypeptide(L)'
;SDEEKKRRAATARRQHLKSAMLQLAVTEIEKEAAAKEVEKQNYLAEHSPPLSLPGSMQELQELSKKLHAKIDSVDEERYD
TEVKLQKTNKELEDLSQKLFDLRGKFKRPPLRRVRMSADAMLRALLGSKHKVNMDLRANLKQVKKEDTEKEKDLRDVGDW
RKNIEEKSGMEGRKKMFEAGES
;
I
3 'polypeptide(L)'
;ASMTDQQAEARAFLSEEMIAEFKAAFDMFDADGGGDISTKELGTVMRMLGQNPTKEELDAIIEEVDEDGSGTIDFEEFLV
MMVRQMKEDAKGKSEEELANCFRIFDKNADGFIDIEELGEILRATGEHVTEEDIEDLMKDSDKNNDGRIDFDEFLKMMEG
VQ
;
C
#
# COMPACT_ATOMS: atom_id res chain seq x y z
N SER A 4 32.98 -30.45 3.65
CA SER A 4 31.99 -29.97 2.65
C SER A 4 32.67 -29.20 1.52
N TYR A 5 33.29 -29.93 0.58
CA TYR A 5 33.97 -29.29 -0.54
C TYR A 5 33.49 -29.83 -1.88
N SER A 6 32.59 -30.81 -1.83
CA SER A 6 32.04 -31.41 -3.05
C SER A 6 30.95 -30.47 -3.54
N SER A 7 30.52 -29.58 -2.64
CA SER A 7 29.48 -28.60 -2.93
C SER A 7 30.07 -27.34 -3.56
N TYR A 8 31.39 -27.32 -3.71
CA TYR A 8 32.05 -26.16 -4.30
C TYR A 8 31.72 -26.06 -5.79
N LEU A 9 31.65 -27.20 -6.45
CA LEU A 9 31.32 -27.22 -7.87
C LEU A 9 29.87 -26.74 -8.05
N ALA A 10 29.08 -26.82 -6.98
CA ALA A 10 27.69 -26.39 -6.99
C ALA A 10 27.64 -24.86 -7.00
N LYS A 11 28.52 -24.24 -6.22
CA LYS A 11 28.61 -22.78 -6.17
C LYS A 11 28.78 -22.25 -7.60
N ALA A 12 29.90 -22.61 -8.23
CA ALA A 12 30.22 -22.17 -9.60
C ALA A 12 29.02 -22.36 -10.52
N ASP A 13 28.62 -23.60 -10.72
CA ASP A 13 27.49 -23.88 -11.59
C ASP A 13 26.30 -22.98 -11.26
N GLN A 14 25.87 -23.00 -10.01
CA GLN A 14 24.74 -22.20 -9.59
C GLN A 14 24.90 -20.70 -9.84
N LYS A 15 25.78 -20.07 -9.08
CA LYS A 15 26.00 -18.65 -9.23
C LYS A 15 26.14 -18.26 -10.69
N ARG A 16 27.23 -18.69 -11.31
CA ARG A 16 27.47 -18.38 -12.72
C ARG A 16 26.22 -18.51 -13.55
N GLY A 17 25.49 -19.59 -13.29
CA GLY A 17 24.27 -19.88 -14.01
C GLY A 17 23.26 -18.77 -13.89
N LYS A 18 22.73 -18.61 -12.68
CA LYS A 18 21.74 -17.59 -12.43
C LYS A 18 22.19 -16.21 -12.88
N LYS A 19 23.43 -15.86 -12.54
CA LYS A 19 23.93 -14.55 -12.90
C LYS A 19 23.92 -14.32 -14.39
N GLN A 20 24.30 -15.33 -15.15
CA GLN A 20 24.34 -15.21 -16.60
C GLN A 20 22.93 -15.15 -17.20
N THR A 21 22.00 -15.83 -16.55
CA THR A 21 20.61 -15.85 -16.98
C THR A 21 20.07 -14.43 -16.85
N ALA A 22 20.31 -13.86 -15.67
CA ALA A 22 19.86 -12.52 -15.35
C ALA A 22 20.38 -11.48 -16.32
N ARG A 23 21.64 -11.63 -16.70
CA ARG A 23 22.25 -10.69 -17.60
C ARG A 23 21.47 -10.51 -18.89
N GLU A 24 21.49 -11.53 -19.72
CA GLU A 24 20.79 -11.43 -20.99
C GLU A 24 19.35 -10.94 -20.86
N THR A 25 18.65 -11.40 -19.82
CA THR A 25 17.28 -10.96 -19.62
C THR A 25 17.30 -9.43 -19.57
N LYS A 26 18.11 -8.90 -18.67
CA LYS A 26 18.25 -7.46 -18.55
C LYS A 26 18.55 -6.87 -19.91
N LYS A 27 19.41 -7.54 -20.67
CA LYS A 27 19.76 -7.02 -21.98
C LYS A 27 18.55 -7.07 -22.90
N LYS A 28 17.85 -8.19 -22.93
CA LYS A 28 16.68 -8.33 -23.78
C LYS A 28 15.68 -7.24 -23.44
N VAL A 29 15.30 -7.19 -22.17
CA VAL A 29 14.37 -6.19 -21.68
C VAL A 29 14.78 -4.78 -22.08
N LEU A 30 15.92 -4.33 -21.59
CA LEU A 30 16.40 -2.99 -21.87
C LEU A 30 16.50 -2.64 -23.34
N ALA A 31 16.82 -3.63 -24.16
CA ALA A 31 16.94 -3.44 -25.60
C ALA A 31 15.59 -3.04 -26.20
N GLU A 32 14.54 -3.76 -25.82
CA GLU A 32 13.22 -3.47 -26.36
C GLU A 32 12.87 -2.01 -26.16
N ARG A 33 12.90 -1.55 -24.92
CA ARG A 33 12.57 -0.18 -24.58
C ARG A 33 13.50 0.85 -25.20
N ARG A 34 14.16 0.46 -26.29
CA ARG A 34 15.11 1.36 -26.96
C ARG A 34 14.88 1.53 -28.46
N LYS A 35 14.51 2.76 -28.84
CA LYS A 35 14.27 3.14 -30.23
C LYS A 35 15.41 4.10 -30.61
N PRO A 36 16.28 3.68 -31.54
CA PRO A 36 17.41 4.51 -31.98
C PRO A 36 17.10 5.97 -32.26
N LEU A 37 18.16 6.76 -32.35
CA LEU A 37 18.03 8.19 -32.61
C LEU A 37 18.01 8.38 -34.11
N ASN A 38 17.31 7.48 -34.80
CA ASN A 38 17.18 7.50 -36.26
C ASN A 38 17.10 8.91 -36.86
N ILE A 39 16.25 9.75 -36.28
CA ILE A 39 16.07 11.10 -36.77
C ILE A 39 17.31 12.00 -36.64
N ASP A 40 18.12 11.97 -37.69
CA ASP A 40 19.33 12.78 -37.75
C ASP A 40 19.44 13.42 -39.11
N HIS A 41 19.28 14.74 -39.15
CA HIS A 41 19.32 15.51 -40.39
C HIS A 41 18.15 15.13 -41.30
N LEU A 42 16.96 15.54 -40.88
CA LEU A 42 15.75 15.28 -41.65
C LEU A 42 14.97 16.59 -41.64
N ASN A 43 15.33 17.45 -40.68
CA ASN A 43 14.73 18.77 -40.50
C ASN A 43 15.54 19.51 -39.45
N GLU A 44 15.33 20.82 -39.34
CA GLU A 44 16.07 21.63 -38.37
C GLU A 44 15.26 21.98 -37.13
N ASP A 45 13.99 22.29 -37.32
CA ASP A 45 13.13 22.62 -36.20
C ASP A 45 12.66 21.30 -35.57
N LYS A 46 12.86 20.20 -36.30
CA LYS A 46 12.47 18.87 -35.82
C LYS A 46 13.19 18.61 -34.50
N LEU A 47 14.49 18.87 -34.51
CA LEU A 47 15.31 18.69 -33.31
C LEU A 47 14.58 19.29 -32.13
N ARG A 48 14.03 20.49 -32.31
CA ARG A 48 13.31 21.17 -31.24
C ARG A 48 12.18 20.32 -30.68
N ASP A 49 11.24 19.94 -31.54
CA ASP A 49 10.12 19.14 -31.09
C ASP A 49 10.56 17.73 -30.68
N LYS A 50 11.76 17.35 -31.09
CA LYS A 50 12.32 16.04 -30.77
C LYS A 50 13.04 16.06 -29.44
N ALA A 51 14.09 16.86 -29.37
CA ALA A 51 14.89 16.98 -28.16
C ALA A 51 14.09 16.93 -26.87
N LYS A 52 13.04 17.74 -26.76
CA LYS A 52 12.25 17.74 -25.54
C LYS A 52 11.59 16.40 -25.30
N GLU A 53 11.06 15.78 -26.35
CA GLU A 53 10.40 14.48 -26.21
C GLU A 53 11.37 13.52 -25.53
N LEU A 54 12.62 13.54 -25.96
CA LEU A 54 13.67 12.71 -25.37
C LEU A 54 13.76 13.15 -23.93
N TRP A 55 13.82 14.46 -23.74
CA TRP A 55 13.90 15.06 -22.42
C TRP A 55 12.84 14.54 -21.48
N ASP A 56 11.59 14.49 -21.95
CA ASP A 56 10.48 13.98 -21.13
C ASP A 56 10.66 12.52 -20.82
N TRP A 57 11.06 11.75 -21.83
CA TRP A 57 11.27 10.32 -21.62
C TRP A 57 12.29 10.17 -20.50
N LEU A 58 13.35 10.97 -20.53
CA LEU A 58 14.38 10.90 -19.52
C LEU A 58 13.75 11.21 -18.20
N TYR A 59 13.17 12.39 -18.10
CA TYR A 59 12.50 12.80 -16.87
C TYR A 59 11.53 11.71 -16.45
N GLN A 60 10.90 11.09 -17.44
CA GLN A 60 9.95 10.04 -17.18
C GLN A 60 10.66 8.96 -16.37
N LEU A 61 11.66 8.37 -16.98
CA LEU A 61 12.45 7.32 -16.36
C LEU A 61 13.01 7.81 -15.02
N GLN A 62 13.65 8.97 -15.02
CA GLN A 62 14.23 9.50 -13.81
C GLN A 62 13.26 9.50 -12.66
N THR A 63 12.07 10.00 -12.90
CA THR A 63 11.09 10.10 -11.82
C THR A 63 10.75 8.72 -11.28
N GLU A 64 10.65 7.74 -12.19
CA GLU A 64 10.30 6.40 -11.79
C GLU A 64 11.41 5.79 -10.95
N LYS A 65 12.64 5.97 -11.41
CA LYS A 65 13.78 5.44 -10.68
C LYS A 65 13.75 5.97 -9.27
N TYR A 66 13.38 7.23 -9.12
CA TYR A 66 13.34 7.81 -7.78
C TYR A 66 12.31 7.11 -6.90
N ASP A 67 11.15 6.79 -7.50
CA ASP A 67 10.09 6.14 -6.77
C ASP A 67 10.46 4.71 -6.40
N PHE A 68 10.96 3.97 -7.38
CA PHE A 68 11.38 2.61 -7.11
C PHE A 68 12.37 2.66 -5.97
N ALA A 69 13.17 3.70 -5.97
CA ALA A 69 14.14 3.85 -4.94
C ALA A 69 13.51 4.02 -3.58
N GLU A 70 12.75 5.09 -3.42
CA GLU A 70 12.11 5.35 -2.14
C GLU A 70 11.33 4.16 -1.71
N GLN A 71 10.80 3.42 -2.67
CA GLN A 71 10.03 2.27 -2.33
C GLN A 71 10.87 1.21 -1.61
N ILE A 72 12.01 0.85 -2.18
CA ILE A 72 12.79 -0.18 -1.53
C ILE A 72 13.06 0.27 -0.09
N LYS A 73 13.37 1.54 0.09
CA LYS A 73 13.68 2.02 1.42
C LYS A 73 12.55 1.70 2.37
N ARG A 74 11.33 2.02 1.95
CA ARG A 74 10.17 1.76 2.79
C ARG A 74 10.07 0.28 3.04
N LYS A 75 10.24 -0.52 2.00
CA LYS A 75 10.16 -1.96 2.14
C LYS A 75 11.25 -2.46 3.08
N LYS A 76 12.45 -1.94 2.89
CA LYS A 76 13.55 -2.31 3.76
C LYS A 76 13.16 -2.14 5.22
N TYR A 77 12.33 -1.14 5.50
CA TYR A 77 11.90 -0.91 6.88
C TYR A 77 10.80 -1.90 7.26
N GLU A 78 9.98 -2.28 6.27
CA GLU A 78 8.91 -3.25 6.51
C GLU A 78 9.59 -4.50 7.01
N ILE A 79 10.72 -4.81 6.38
CA ILE A 79 11.49 -5.98 6.73
C ILE A 79 12.00 -5.91 8.14
N VAL A 80 12.77 -4.87 8.44
CA VAL A 80 13.31 -4.71 9.78
C VAL A 80 12.26 -5.04 10.83
N THR A 81 11.06 -4.47 10.68
CA THR A 81 9.98 -4.74 11.60
C THR A 81 9.51 -6.18 11.46
N LEU A 82 9.22 -6.60 10.24
CA LEU A 82 8.79 -7.96 10.06
C LEU A 82 9.78 -8.97 10.65
N ARG A 83 11.04 -8.57 10.82
CA ARG A 83 12.01 -9.50 11.40
C ARG A 83 11.87 -9.51 12.90
N ASN A 84 11.61 -8.34 13.48
CA ASN A 84 11.44 -8.27 14.93
C ASN A 84 10.21 -9.05 15.37
N ARG A 85 9.20 -9.09 14.53
CA ARG A 85 7.97 -9.81 14.86
C ARG A 85 8.24 -11.28 14.82
N ILE A 86 9.20 -11.66 13.98
CA ILE A 86 9.58 -13.06 13.84
C ILE A 86 10.33 -13.54 15.06
N ASP A 87 11.26 -12.74 15.56
CA ASP A 87 12.00 -13.12 16.74
C ASP A 87 11.09 -13.07 17.96
N GLN A 88 10.39 -11.96 18.10
CA GLN A 88 9.47 -11.77 19.22
C GLN A 88 8.50 -12.95 19.29
N ALA A 89 8.12 -13.43 18.11
CA ALA A 89 7.19 -14.55 18.03
C ALA A 89 7.90 -15.88 18.01
N GLN A 90 9.05 -15.96 18.69
CA GLN A 90 9.80 -17.21 18.76
C GLN A 90 9.36 -18.04 19.97
N LYS A 91 9.67 -17.54 21.18
CA LYS A 91 9.32 -18.25 22.42
C LYS A 91 9.17 -19.76 22.23
N HIS A 92 10.32 -20.43 22.22
CA HIS A 92 10.45 -21.89 22.05
C HIS A 92 9.80 -22.72 23.17
N SER A 93 8.73 -22.18 23.75
CA SER A 93 7.96 -22.87 24.80
C SER A 93 6.85 -23.76 24.19
N GLU B 3 -10.73 -1.74 47.45
CA GLU B 3 -10.80 -2.67 46.28
C GLU B 3 -10.67 -1.90 44.96
N GLU B 4 -9.52 -1.25 44.78
CA GLU B 4 -9.20 -0.47 43.57
C GLU B 4 -10.40 0.17 42.83
N LYS B 5 -11.30 0.79 43.59
CA LYS B 5 -12.47 1.43 42.99
C LYS B 5 -12.11 2.54 42.00
N LYS B 6 -11.02 3.25 42.26
CA LYS B 6 -10.60 4.35 41.40
C LYS B 6 -9.85 3.91 40.15
N ARG B 7 -9.25 2.72 40.21
CA ARG B 7 -8.47 2.18 39.10
C ARG B 7 -9.03 2.48 37.70
N ARG B 8 -10.35 2.59 37.61
CA ARG B 8 -11.00 2.88 36.34
C ARG B 8 -10.45 4.11 35.63
N ALA B 9 -10.19 5.17 36.39
CA ALA B 9 -9.67 6.42 35.83
C ALA B 9 -8.27 6.28 35.24
N ALA B 10 -7.49 5.34 35.78
CA ALA B 10 -6.13 5.11 35.29
C ALA B 10 -6.16 4.68 33.82
N THR B 11 -6.95 3.66 33.54
CA THR B 11 -7.07 3.14 32.19
C THR B 11 -7.51 4.25 31.23
N ALA B 12 -8.59 4.93 31.58
CA ALA B 12 -9.08 5.99 30.72
C ALA B 12 -7.95 6.94 30.31
N ARG B 13 -7.00 7.16 31.22
CA ARG B 13 -5.88 8.04 30.92
C ARG B 13 -5.10 7.47 29.75
N ARG B 14 -4.60 6.26 29.90
CA ARG B 14 -3.84 5.64 28.84
C ARG B 14 -4.58 5.84 27.52
N GLN B 15 -5.89 5.66 27.55
CA GLN B 15 -6.64 5.84 26.33
C GLN B 15 -6.53 7.27 25.91
N HIS B 16 -6.87 8.18 26.82
CA HIS B 16 -6.80 9.59 26.50
C HIS B 16 -5.45 9.92 25.87
N LEU B 17 -4.39 9.33 26.42
CA LEU B 17 -3.07 9.56 25.91
C LEU B 17 -2.86 8.85 24.58
N LYS B 18 -3.25 7.59 24.51
CA LYS B 18 -3.09 6.85 23.27
C LYS B 18 -3.68 7.67 22.13
N SER B 19 -4.90 8.17 22.32
CA SER B 19 -5.56 8.97 21.32
C SER B 19 -4.83 10.28 21.10
N ALA B 20 -4.13 10.75 22.13
CA ALA B 20 -3.37 11.98 22.01
C ALA B 20 -2.17 11.64 21.16
N MET B 21 -1.78 10.37 21.19
CA MET B 21 -0.64 9.91 20.41
C MET B 21 -1.03 9.78 18.95
N LEU B 22 -2.02 8.95 18.67
CA LEU B 22 -2.47 8.76 17.31
C LEU B 22 -2.78 10.09 16.73
N GLN B 23 -3.60 10.86 17.42
CA GLN B 23 -3.94 12.16 16.87
C GLN B 23 -2.67 12.89 16.46
N LEU B 24 -1.62 12.74 17.27
CA LEU B 24 -0.36 13.41 16.96
C LEU B 24 0.22 12.79 15.72
N ALA B 25 0.20 11.47 15.69
CA ALA B 25 0.75 10.73 14.58
C ALA B 25 0.24 11.24 13.24
N VAL B 26 -1.05 11.11 13.04
CA VAL B 26 -1.70 11.53 11.80
C VAL B 26 -1.26 12.89 11.29
N THR B 27 -1.25 13.89 12.15
CA THR B 27 -0.85 15.22 11.73
C THR B 27 0.62 15.31 11.38
N GLU B 28 1.41 14.38 11.92
CA GLU B 28 2.84 14.38 11.65
C GLU B 28 3.06 13.60 10.38
N ILE B 29 2.19 12.61 10.18
CA ILE B 29 2.24 11.72 9.02
C ILE B 29 2.16 12.48 7.69
N GLU B 30 1.23 13.43 7.60
CA GLU B 30 1.12 14.18 6.37
C GLU B 30 2.25 15.19 6.27
N LYS B 31 2.84 15.59 7.38
CA LYS B 31 3.94 16.54 7.31
C LYS B 31 5.12 15.89 6.59
N GLU B 32 5.52 14.73 7.09
CA GLU B 32 6.62 13.96 6.52
C GLU B 32 6.33 13.68 5.07
N ALA B 33 5.07 13.36 4.79
CA ALA B 33 4.62 13.06 3.44
C ALA B 33 4.94 14.18 2.48
N ALA B 34 4.37 15.35 2.73
CA ALA B 34 4.61 16.45 1.83
C ALA B 34 6.08 16.80 1.81
N ALA B 35 6.71 16.94 2.97
CA ALA B 35 8.13 17.24 3.00
C ALA B 35 8.91 16.25 2.13
N LYS B 36 8.54 14.98 2.24
CA LYS B 36 9.17 13.94 1.46
C LYS B 36 9.13 14.40 -0.01
N GLU B 37 7.91 14.67 -0.51
CA GLU B 37 7.69 15.11 -1.90
C GLU B 37 8.63 16.24 -2.25
N VAL B 38 8.71 17.22 -1.36
CA VAL B 38 9.60 18.35 -1.60
C VAL B 38 10.98 17.84 -1.97
N GLU B 39 11.49 16.89 -1.21
CA GLU B 39 12.79 16.37 -1.53
C GLU B 39 12.79 15.79 -2.94
N LYS B 40 11.69 15.15 -3.32
CA LYS B 40 11.59 14.55 -4.64
C LYS B 40 11.68 15.54 -5.79
N GLN B 41 11.07 16.71 -5.61
CA GLN B 41 11.11 17.71 -6.67
C GLN B 41 12.44 18.44 -6.73
N ASN B 42 13.17 18.43 -5.62
CA ASN B 42 14.49 19.08 -5.55
C ASN B 42 15.47 18.13 -6.21
N TYR B 43 15.38 16.86 -5.86
CA TYR B 43 16.26 15.88 -6.44
C TYR B 43 16.13 16.05 -7.94
N LEU B 44 14.90 15.95 -8.41
CA LEU B 44 14.63 16.08 -9.82
C LEU B 44 14.99 17.48 -10.31
N ALA B 45 14.93 18.45 -9.40
CA ALA B 45 15.24 19.82 -9.72
C ALA B 45 16.61 19.95 -10.35
N GLU B 46 17.60 19.21 -9.86
CA GLU B 46 18.93 19.28 -10.43
C GLU B 46 19.31 18.19 -11.40
N HIS B 47 18.80 16.99 -11.18
CA HIS B 47 19.14 15.90 -12.08
C HIS B 47 18.48 16.01 -13.44
N SER B 48 17.57 16.97 -13.57
CA SER B 48 16.88 17.21 -14.84
C SER B 48 16.08 18.48 -14.71
N PRO B 49 16.79 19.62 -14.66
CA PRO B 49 16.21 20.97 -14.53
C PRO B 49 15.49 21.42 -15.77
N PRO B 50 14.53 22.33 -15.61
CA PRO B 50 13.77 22.86 -16.73
C PRO B 50 14.64 23.00 -17.98
N LEU B 51 14.47 22.10 -18.93
CA LEU B 51 15.24 22.14 -20.16
C LEU B 51 15.15 23.46 -20.89
N SER B 52 16.24 23.82 -21.58
CA SER B 52 16.32 25.06 -22.36
C SER B 52 16.97 24.77 -23.71
N LEU B 53 16.14 24.53 -24.71
CA LEU B 53 16.61 24.24 -26.07
C LEU B 53 17.64 25.25 -26.59
N PRO B 54 18.83 24.76 -26.98
CA PRO B 54 19.92 25.59 -27.50
C PRO B 54 19.56 26.33 -28.78
N GLY B 55 20.59 26.79 -29.49
CA GLY B 55 20.39 27.49 -30.76
C GLY B 55 19.72 26.56 -31.73
N SER B 56 20.50 25.81 -32.51
CA SER B 56 19.91 24.86 -33.45
C SER B 56 20.86 23.84 -34.08
N MET B 57 21.60 24.31 -35.06
CA MET B 57 22.55 23.50 -35.79
C MET B 57 23.21 22.34 -35.05
N GLN B 58 24.34 22.61 -34.41
CA GLN B 58 25.09 21.58 -33.70
C GLN B 58 24.48 21.23 -32.36
N GLU B 59 24.16 22.28 -31.62
CA GLU B 59 23.57 22.17 -30.30
C GLU B 59 22.39 21.21 -30.19
N LEU B 60 21.33 21.48 -30.96
CA LEU B 60 20.13 20.66 -30.92
C LEU B 60 20.42 19.22 -31.25
N GLN B 61 21.35 19.02 -32.17
CA GLN B 61 21.70 17.67 -32.55
C GLN B 61 22.50 17.10 -31.38
N GLU B 62 23.53 17.84 -30.98
CA GLU B 62 24.39 17.42 -29.89
C GLU B 62 23.55 17.05 -28.67
N LEU B 63 22.83 18.04 -28.15
CA LEU B 63 21.99 17.83 -26.99
C LEU B 63 21.18 16.57 -27.15
N SER B 64 20.55 16.43 -28.31
CA SER B 64 19.71 15.28 -28.57
C SER B 64 20.49 14.01 -28.37
N LYS B 65 21.72 13.99 -28.88
CA LYS B 65 22.54 12.81 -28.73
C LYS B 65 22.85 12.64 -27.24
N LYS B 66 23.14 13.75 -26.57
CA LYS B 66 23.47 13.76 -25.15
C LYS B 66 22.37 13.04 -24.36
N LEU B 67 21.15 13.54 -24.52
CA LEU B 67 19.99 12.99 -23.84
C LEU B 67 19.83 11.52 -24.14
N HIS B 68 19.59 11.22 -25.41
CA HIS B 68 19.39 9.86 -25.88
C HIS B 68 20.35 8.84 -25.25
N ALA B 69 21.60 9.25 -25.02
CA ALA B 69 22.57 8.34 -24.44
C ALA B 69 22.26 8.19 -22.95
N LYS B 70 21.97 9.32 -22.30
CA LYS B 70 21.65 9.33 -20.88
C LYS B 70 20.45 8.46 -20.63
N ILE B 71 19.52 8.47 -21.57
CA ILE B 71 18.32 7.67 -21.47
C ILE B 71 18.65 6.20 -21.26
N ASP B 72 19.52 5.64 -22.09
CA ASP B 72 19.87 4.24 -21.95
C ASP B 72 20.51 4.05 -20.60
N SER B 73 21.19 5.10 -20.17
CA SER B 73 21.88 5.12 -18.90
C SER B 73 20.88 5.05 -17.75
N VAL B 74 20.09 6.10 -17.62
CA VAL B 74 19.07 6.19 -16.56
C VAL B 74 18.17 4.99 -16.63
N ASP B 75 17.82 4.58 -17.84
CA ASP B 75 16.94 3.44 -17.98
C ASP B 75 17.58 2.22 -17.31
N GLU B 76 18.83 1.92 -17.63
CA GLU B 76 19.50 0.77 -17.02
C GLU B 76 19.42 0.87 -15.50
N GLU B 77 19.69 2.06 -14.97
CA GLU B 77 19.66 2.30 -13.52
C GLU B 77 18.26 2.03 -13.06
N ARG B 78 17.31 2.56 -13.79
CA ARG B 78 15.94 2.36 -13.38
C ARG B 78 15.68 0.87 -13.27
N TYR B 79 16.17 0.12 -14.27
CA TYR B 79 16.00 -1.34 -14.30
C TYR B 79 16.64 -2.01 -13.11
N ASP B 80 17.93 -1.76 -12.91
CA ASP B 80 18.61 -2.37 -11.77
C ASP B 80 17.80 -2.11 -10.51
N THR B 81 17.34 -0.88 -10.34
CA THR B 81 16.57 -0.54 -9.16
C THR B 81 15.34 -1.45 -9.07
N GLU B 82 14.57 -1.49 -10.14
CA GLU B 82 13.37 -2.29 -10.13
C GLU B 82 13.68 -3.70 -9.69
N VAL B 83 14.84 -4.20 -10.11
CA VAL B 83 15.21 -5.55 -9.74
C VAL B 83 15.56 -5.68 -8.28
N LYS B 84 16.21 -4.67 -7.71
CA LYS B 84 16.56 -4.74 -6.28
C LYS B 84 15.29 -4.67 -5.49
N LEU B 85 14.25 -4.11 -6.11
CA LEU B 85 12.97 -3.99 -5.44
C LEU B 85 12.41 -5.38 -5.45
N GLN B 86 12.36 -5.96 -6.65
CA GLN B 86 11.84 -7.31 -6.78
C GLN B 86 12.50 -8.19 -5.76
N LYS B 87 13.83 -8.12 -5.70
CA LYS B 87 14.56 -8.93 -4.75
C LYS B 87 14.00 -8.70 -3.36
N THR B 88 13.87 -7.43 -2.99
CA THR B 88 13.39 -7.05 -1.66
C THR B 88 11.99 -7.53 -1.38
N ASN B 89 11.04 -7.18 -2.25
CA ASN B 89 9.69 -7.63 -2.04
C ASN B 89 9.73 -9.13 -1.81
N LYS B 90 10.63 -9.80 -2.52
CA LYS B 90 10.76 -11.25 -2.40
C LYS B 90 11.18 -11.59 -0.98
N GLU B 91 12.28 -11.00 -0.55
CA GLU B 91 12.75 -11.26 0.79
C GLU B 91 11.68 -11.10 1.87
N LEU B 92 10.80 -10.12 1.74
CA LEU B 92 9.81 -9.96 2.78
C LEU B 92 8.64 -10.89 2.61
N GLU B 93 8.43 -11.39 1.40
CA GLU B 93 7.32 -12.34 1.21
C GLU B 93 7.66 -13.61 1.99
N ASP B 94 8.91 -14.03 1.84
CA ASP B 94 9.39 -15.22 2.54
C ASP B 94 9.27 -14.98 4.04
N LEU B 95 9.65 -13.79 4.49
CA LEU B 95 9.56 -13.47 5.89
C LEU B 95 8.09 -13.39 6.28
N SER B 96 7.27 -12.99 5.31
CA SER B 96 5.83 -12.85 5.54
C SER B 96 5.24 -14.25 5.58
N GLN B 97 6.10 -15.25 5.49
CA GLN B 97 5.69 -16.65 5.53
C GLN B 97 6.19 -17.24 6.85
N LYS B 98 7.49 -17.10 7.05
CA LYS B 98 8.15 -17.58 8.24
C LYS B 98 7.43 -17.10 9.50
N LEU B 99 6.43 -16.26 9.32
CA LEU B 99 5.67 -15.74 10.45
C LEU B 99 4.30 -16.38 10.46
N PHE B 100 3.74 -16.58 9.28
CA PHE B 100 2.43 -17.18 9.14
C PHE B 100 2.42 -18.54 9.81
N ASP B 101 3.18 -19.46 9.24
CA ASP B 101 3.28 -20.80 9.81
C ASP B 101 4.18 -20.77 11.05
N LEU B 102 3.78 -19.98 12.03
CA LEU B 102 4.51 -19.86 13.27
C LEU B 102 3.62 -19.06 14.19
N ARG B 103 2.54 -18.54 13.61
CA ARG B 103 1.56 -17.73 14.33
C ARG B 103 0.23 -17.87 13.63
N GLY B 104 0.26 -17.82 12.31
CA GLY B 104 -0.96 -17.93 11.53
C GLY B 104 -1.19 -16.67 10.74
N LYS B 105 -2.45 -16.26 10.62
CA LYS B 105 -2.77 -15.04 9.89
C LYS B 105 -2.57 -13.83 10.82
N PHE B 106 -1.45 -13.14 10.66
CA PHE B 106 -1.12 -11.99 11.48
C PHE B 106 -1.56 -10.67 10.84
N LYS B 107 -1.57 -9.61 11.63
CA LYS B 107 -1.96 -8.31 11.12
C LYS B 107 -0.89 -7.70 10.22
N ARG B 108 -1.34 -6.82 9.33
CA ARG B 108 -0.48 -6.10 8.39
C ARG B 108 0.44 -6.89 7.50
N PRO B 109 -0.12 -7.75 6.64
CA PRO B 109 0.79 -8.50 5.78
C PRO B 109 1.42 -7.46 4.84
N PRO B 110 2.72 -7.60 4.55
CA PRO B 110 3.43 -6.65 3.68
C PRO B 110 2.96 -6.52 2.23
N LEU B 111 2.47 -7.61 1.64
CA LEU B 111 2.00 -7.63 0.24
C LEU B 111 0.58 -7.06 0.05
N ARG B 112 -0.30 -7.30 1.01
CA ARG B 112 -1.67 -6.78 0.96
C ARG B 112 -2.35 -6.92 -0.39
N ARG B 113 -3.20 -7.94 -0.51
CA ARG B 113 -4.07 -8.15 -1.65
C ARG B 113 -5.40 -7.45 -1.42
N VAL B 114 -5.56 -6.29 -2.08
CA VAL B 114 -6.77 -5.51 -1.88
C VAL B 114 -7.47 -5.23 -3.20
N ARG B 115 -8.77 -5.53 -3.21
CA ARG B 115 -9.59 -5.15 -4.35
C ARG B 115 -10.08 -3.71 -4.18
N MET B 116 -10.80 -3.22 -5.20
CA MET B 116 -11.33 -1.87 -5.06
C MET B 116 -12.38 -1.83 -3.94
N SER B 117 -12.35 -0.75 -3.16
CA SER B 117 -13.32 -0.59 -2.09
C SER B 117 -14.73 -0.41 -2.60
N ALA B 118 -15.69 -0.75 -1.75
CA ALA B 118 -17.09 -0.61 -2.11
C ALA B 118 -17.36 0.88 -2.31
N ASP B 119 -16.68 1.71 -1.52
CA ASP B 119 -16.87 3.15 -1.61
C ASP B 119 -16.44 3.60 -3.01
N ALA B 120 -15.45 2.91 -3.55
CA ALA B 120 -14.92 3.22 -4.87
C ALA B 120 -15.93 2.85 -5.92
N MET B 121 -16.35 1.60 -5.84
CA MET B 121 -17.32 1.07 -6.77
C MET B 121 -18.56 1.95 -6.76
N LEU B 122 -19.02 2.32 -5.58
CA LEU B 122 -20.21 3.15 -5.47
C LEU B 122 -19.99 4.48 -6.17
N ARG B 123 -18.86 5.12 -5.91
CA ARG B 123 -18.59 6.41 -6.54
C ARG B 123 -18.51 6.22 -8.04
N ALA B 124 -17.71 5.25 -8.45
CA ALA B 124 -17.55 4.95 -9.84
C ALA B 124 -18.85 4.75 -10.62
N LEU B 125 -19.85 4.14 -9.97
CA LEU B 125 -21.11 3.83 -10.64
C LEU B 125 -22.24 4.83 -10.54
N LEU B 126 -22.28 5.58 -9.45
CA LEU B 126 -23.38 6.53 -9.28
C LEU B 126 -22.93 7.97 -9.43
N GLY B 127 -21.62 8.16 -9.48
CA GLY B 127 -21.05 9.48 -9.64
C GLY B 127 -21.51 10.49 -8.60
N SER B 128 -22.32 11.44 -9.04
CA SER B 128 -22.81 12.48 -8.17
C SER B 128 -23.49 11.95 -6.89
N LYS B 129 -24.62 11.27 -7.04
CA LYS B 129 -25.34 10.79 -5.87
C LYS B 129 -24.74 9.57 -5.17
N HIS B 130 -23.75 9.83 -4.32
CA HIS B 130 -23.14 8.77 -3.52
C HIS B 130 -22.76 9.47 -2.21
N LYS B 131 -23.77 9.69 -1.37
CA LYS B 131 -23.52 10.39 -0.13
C LYS B 131 -23.58 9.52 1.13
N VAL B 132 -22.52 8.80 1.44
CA VAL B 132 -22.47 7.98 2.64
C VAL B 132 -21.01 7.74 3.04
N ASN B 133 -20.52 8.53 3.98
CA ASN B 133 -19.13 8.41 4.43
C ASN B 133 -18.90 7.10 5.18
N MET B 134 -19.38 6.01 4.59
CA MET B 134 -19.30 4.66 5.20
C MET B 134 -17.91 4.30 5.78
N ASP B 135 -17.93 3.70 6.96
CA ASP B 135 -16.72 3.25 7.64
C ASP B 135 -17.07 2.12 8.59
N LEU B 136 -18.02 2.38 9.49
CA LEU B 136 -18.44 1.37 10.47
C LEU B 136 -19.67 1.86 11.25
N ARG B 137 -19.70 3.17 11.52
CA ARG B 137 -20.78 3.80 12.26
C ARG B 137 -22.16 3.28 11.86
N ALA B 138 -22.77 2.48 12.73
CA ALA B 138 -24.10 1.95 12.47
C ALA B 138 -25.08 3.11 12.60
N ASN B 139 -26.38 2.85 12.45
CA ASN B 139 -27.38 3.91 12.55
C ASN B 139 -28.65 3.49 13.29
N LEU B 140 -28.88 4.13 14.43
CA LEU B 140 -30.08 3.87 15.20
C LEU B 140 -30.75 5.23 15.43
N LYS B 141 -32.04 5.29 15.11
CA LYS B 141 -32.85 6.50 15.24
C LYS B 141 -32.41 7.53 16.30
N GLN B 142 -32.32 8.80 15.89
CA GLN B 142 -31.92 9.92 16.77
C GLN B 142 -33.07 10.84 17.20
N VAL B 143 -33.11 11.18 18.49
CA VAL B 143 -34.09 12.09 19.04
C VAL B 143 -33.48 13.00 20.11
N THR C 4 -29.09 -17.34 3.99
CA THR C 4 -30.03 -16.25 4.38
C THR C 4 -29.63 -15.63 5.71
N ASP C 5 -28.95 -16.42 6.55
CA ASP C 5 -28.52 -15.97 7.87
C ASP C 5 -27.53 -14.82 7.73
N GLN C 6 -26.67 -14.93 6.71
CA GLN C 6 -25.69 -13.91 6.43
C GLN C 6 -26.40 -12.65 5.95
N GLN C 7 -27.32 -12.83 5.01
CA GLN C 7 -28.08 -11.73 4.43
C GLN C 7 -28.79 -10.98 5.54
N ALA C 8 -28.82 -11.59 6.71
CA ALA C 8 -29.46 -11.01 7.86
C ALA C 8 -28.57 -9.94 8.47
N GLU C 9 -27.58 -10.37 9.24
CA GLU C 9 -26.66 -9.43 9.87
C GLU C 9 -26.18 -8.42 8.85
N ALA C 10 -26.00 -8.90 7.62
CA ALA C 10 -25.54 -8.04 6.54
C ALA C 10 -26.47 -6.83 6.44
N ARG C 11 -27.77 -7.09 6.30
CA ARG C 11 -28.74 -6.03 6.19
C ARG C 11 -28.89 -5.34 7.53
N ALA C 12 -28.50 -6.04 8.58
CA ALA C 12 -28.57 -5.50 9.93
C ALA C 12 -27.47 -4.47 10.09
N PHE C 13 -26.33 -4.77 9.47
CA PHE C 13 -25.15 -3.94 9.50
C PHE C 13 -25.38 -2.60 8.78
N LEU C 14 -25.84 -2.69 7.54
CA LEU C 14 -26.08 -1.51 6.73
C LEU C 14 -27.26 -0.67 7.24
N SER C 15 -27.39 0.52 6.66
CA SER C 15 -28.46 1.44 7.01
C SER C 15 -29.34 1.61 5.78
N GLU C 16 -30.52 2.19 5.96
CA GLU C 16 -31.41 2.38 4.82
C GLU C 16 -30.62 3.11 3.76
N GLU C 17 -29.85 4.09 4.20
CA GLU C 17 -29.02 4.89 3.31
C GLU C 17 -28.21 3.93 2.49
N MET C 18 -27.47 3.08 3.20
CA MET C 18 -26.62 2.08 2.56
C MET C 18 -27.44 1.31 1.53
N ILE C 19 -28.39 0.53 2.03
CA ILE C 19 -29.24 -0.28 1.16
C ILE C 19 -29.71 0.55 -0.02
N ALA C 20 -30.26 1.71 0.28
CA ALA C 20 -30.75 2.58 -0.77
C ALA C 20 -29.78 2.68 -1.95
N GLU C 21 -28.55 3.06 -1.66
CA GLU C 21 -27.52 3.23 -2.68
C GLU C 21 -27.04 1.89 -3.24
N PHE C 22 -26.78 0.93 -2.36
CA PHE C 22 -26.34 -0.37 -2.82
C PHE C 22 -27.35 -0.98 -3.77
N LYS C 23 -28.59 -0.53 -3.66
CA LYS C 23 -29.66 -1.02 -4.53
C LYS C 23 -29.43 -0.36 -5.88
N ALA C 24 -29.48 0.97 -5.89
CA ALA C 24 -29.27 1.73 -7.11
C ALA C 24 -28.09 1.13 -7.84
N ALA C 25 -27.07 0.82 -7.08
CA ALA C 25 -25.86 0.24 -7.64
C ALA C 25 -26.14 -1.13 -8.18
N PHE C 26 -26.91 -1.92 -7.42
CA PHE C 26 -27.22 -3.26 -7.86
C PHE C 26 -28.01 -3.23 -9.17
N ASP C 27 -29.01 -2.35 -9.21
CA ASP C 27 -29.81 -2.24 -10.40
C ASP C 27 -28.97 -2.07 -11.64
N MET C 28 -27.96 -1.20 -11.58
CA MET C 28 -27.11 -0.96 -12.73
C MET C 28 -26.35 -2.23 -13.12
N PHE C 29 -26.01 -3.02 -12.11
CA PHE C 29 -25.30 -4.25 -12.40
C PHE C 29 -26.22 -5.12 -13.27
N ASP C 30 -27.46 -5.27 -12.78
CA ASP C 30 -28.51 -6.05 -13.44
C ASP C 30 -29.10 -5.37 -14.69
N ALA C 31 -28.67 -5.85 -15.86
CA ALA C 31 -29.10 -5.33 -17.15
C ALA C 31 -30.60 -5.44 -17.35
N ASP C 32 -31.01 -6.63 -17.80
CA ASP C 32 -32.40 -6.99 -18.08
C ASP C 32 -33.36 -6.55 -16.97
N GLY C 33 -32.85 -6.41 -15.75
CA GLY C 33 -33.69 -5.98 -14.64
C GLY C 33 -34.45 -7.13 -14.01
N GLY C 34 -34.06 -8.36 -14.35
CA GLY C 34 -34.67 -9.56 -13.82
C GLY C 34 -34.64 -9.63 -12.30
N GLY C 35 -33.46 -9.69 -11.72
CA GLY C 35 -33.39 -9.73 -10.28
C GLY C 35 -32.08 -10.25 -9.78
N ASP C 36 -31.16 -10.53 -10.69
CA ASP C 36 -29.86 -11.05 -10.28
C ASP C 36 -28.74 -10.93 -11.32
N ILE C 37 -27.57 -10.55 -10.85
CA ILE C 37 -26.43 -10.37 -11.72
C ILE C 37 -26.00 -11.71 -12.26
N SER C 38 -25.81 -11.81 -13.58
CA SER C 38 -25.36 -13.07 -14.21
C SER C 38 -23.87 -13.04 -14.44
N THR C 39 -23.30 -14.18 -14.82
CA THR C 39 -21.88 -14.25 -15.08
C THR C 39 -21.48 -13.27 -16.20
N LYS C 40 -22.46 -12.82 -16.96
CA LYS C 40 -22.20 -11.88 -18.06
C LYS C 40 -22.49 -10.44 -17.62
N GLU C 41 -23.62 -10.25 -16.96
CA GLU C 41 -23.97 -8.92 -16.51
C GLU C 41 -22.87 -8.39 -15.64
N LEU C 42 -22.22 -9.28 -14.90
CA LEU C 42 -21.14 -8.86 -14.02
C LEU C 42 -19.98 -8.40 -14.87
N GLY C 43 -19.56 -9.25 -15.82
CA GLY C 43 -18.46 -8.90 -16.71
C GLY C 43 -18.52 -7.50 -17.28
N THR C 44 -19.70 -7.09 -17.74
CA THR C 44 -19.89 -5.75 -18.28
C THR C 44 -19.52 -4.66 -17.27
N VAL C 45 -20.12 -4.73 -16.09
CA VAL C 45 -19.83 -3.74 -15.07
C VAL C 45 -18.34 -3.74 -14.69
N MET C 46 -17.77 -4.94 -14.55
CA MET C 46 -16.40 -5.03 -14.12
C MET C 46 -15.49 -4.24 -15.05
N ARG C 47 -15.75 -4.35 -16.35
CA ARG C 47 -14.97 -3.63 -17.34
C ARG C 47 -15.23 -2.14 -17.22
N MET C 48 -16.47 -1.77 -16.97
CA MET C 48 -16.81 -0.40 -16.75
C MET C 48 -16.01 0.14 -15.60
N LEU C 49 -15.74 -0.76 -14.66
CA LEU C 49 -14.99 -0.43 -13.45
C LEU C 49 -13.50 -0.54 -13.70
N GLY C 50 -13.15 -0.88 -14.92
CA GLY C 50 -11.75 -0.93 -15.20
C GLY C 50 -11.05 -2.23 -14.95
N GLN C 51 -11.75 -3.35 -15.11
CA GLN C 51 -11.09 -4.64 -14.94
C GLN C 51 -11.28 -5.45 -16.21
N ASN C 52 -10.79 -6.69 -16.17
CA ASN C 52 -10.93 -7.58 -17.31
C ASN C 52 -10.85 -9.01 -16.81
N PRO C 53 -11.83 -9.42 -16.02
CA PRO C 53 -11.87 -10.77 -15.47
C PRO C 53 -12.07 -11.85 -16.51
N THR C 54 -11.70 -13.09 -16.15
CA THR C 54 -11.85 -14.25 -17.01
C THR C 54 -12.99 -15.11 -16.47
N LYS C 55 -13.58 -15.93 -17.33
CA LYS C 55 -14.69 -16.77 -16.91
C LYS C 55 -14.48 -17.37 -15.54
N GLU C 56 -13.31 -17.95 -15.31
CA GLU C 56 -13.03 -18.54 -14.02
C GLU C 56 -13.18 -17.46 -12.95
N GLU C 57 -12.39 -16.42 -13.08
CA GLU C 57 -12.40 -15.33 -12.12
C GLU C 57 -13.79 -14.82 -11.79
N LEU C 58 -14.60 -14.61 -12.82
CA LEU C 58 -15.95 -14.10 -12.63
C LEU C 58 -16.76 -14.99 -11.72
N ASP C 59 -16.87 -16.27 -12.07
CA ASP C 59 -17.65 -17.21 -11.29
C ASP C 59 -17.25 -17.23 -9.85
N ALA C 60 -15.95 -17.35 -9.62
CA ALA C 60 -15.42 -17.38 -8.27
C ALA C 60 -15.97 -16.17 -7.53
N ILE C 61 -15.97 -15.03 -8.19
CA ILE C 61 -16.47 -13.80 -7.60
C ILE C 61 -17.99 -13.88 -7.39
N ILE C 62 -18.65 -14.70 -8.20
CA ILE C 62 -20.08 -14.87 -8.10
C ILE C 62 -20.43 -15.83 -7.00
N GLU C 63 -19.97 -17.06 -7.13
CA GLU C 63 -20.28 -18.07 -6.13
C GLU C 63 -19.66 -17.82 -4.75
N GLU C 64 -19.23 -16.58 -4.51
CA GLU C 64 -18.66 -16.23 -3.22
C GLU C 64 -19.82 -15.90 -2.28
N VAL C 65 -20.91 -15.39 -2.84
CA VAL C 65 -22.08 -15.05 -2.03
C VAL C 65 -23.33 -15.73 -2.56
N ASP C 66 -23.16 -16.71 -3.46
CA ASP C 66 -24.31 -17.42 -4.03
C ASP C 66 -24.67 -18.61 -3.14
N GLU C 67 -25.57 -18.34 -2.20
CA GLU C 67 -26.00 -19.35 -1.25
C GLU C 67 -27.04 -20.33 -1.80
N ASP C 68 -27.76 -19.90 -2.83
CA ASP C 68 -28.79 -20.76 -3.43
C ASP C 68 -28.25 -21.45 -4.67
N GLY C 69 -26.94 -21.59 -4.75
CA GLY C 69 -26.29 -22.24 -5.90
C GLY C 69 -26.89 -21.88 -7.26
N SER C 70 -27.42 -20.66 -7.37
CA SER C 70 -28.06 -20.16 -8.59
C SER C 70 -27.10 -19.85 -9.73
N GLY C 71 -25.90 -19.37 -9.38
CA GLY C 71 -24.92 -19.00 -10.38
C GLY C 71 -25.15 -17.56 -10.75
N THR C 72 -25.90 -16.86 -9.91
CA THR C 72 -26.22 -15.47 -10.12
C THR C 72 -26.26 -14.80 -8.77
N ILE C 73 -26.37 -13.48 -8.74
CA ILE C 73 -26.39 -12.76 -7.46
C ILE C 73 -27.62 -11.88 -7.34
N ASP C 74 -28.36 -12.04 -6.24
CA ASP C 74 -29.57 -11.25 -5.96
C ASP C 74 -29.22 -10.10 -5.01
N PHE C 75 -30.08 -9.08 -4.94
CA PHE C 75 -29.81 -7.93 -4.07
C PHE C 75 -29.49 -8.29 -2.63
N GLU C 76 -29.74 -9.54 -2.27
CA GLU C 76 -29.48 -9.98 -0.93
C GLU C 76 -28.03 -10.45 -0.86
N GLU C 77 -27.71 -11.45 -1.68
CA GLU C 77 -26.35 -11.97 -1.72
C GLU C 77 -25.37 -10.84 -2.01
N PHE C 78 -25.86 -9.85 -2.74
CA PHE C 78 -25.08 -8.66 -3.10
C PHE C 78 -24.76 -7.90 -1.81
N LEU C 79 -25.77 -7.51 -1.03
CA LEU C 79 -25.53 -6.79 0.23
C LEU C 79 -24.51 -7.55 1.09
N VAL C 80 -24.60 -8.86 1.11
CA VAL C 80 -23.65 -9.65 1.85
C VAL C 80 -22.27 -9.27 1.35
N MET C 81 -22.09 -9.43 0.03
CA MET C 81 -20.84 -9.10 -0.64
C MET C 81 -20.32 -7.70 -0.28
N MET C 82 -21.19 -6.70 -0.41
CA MET C 82 -20.82 -5.34 -0.10
C MET C 82 -20.34 -5.27 1.33
N VAL C 83 -21.06 -5.92 2.24
CA VAL C 83 -20.64 -5.94 3.63
C VAL C 83 -19.22 -6.50 3.79
N ARG C 84 -18.99 -7.75 3.41
CA ARG C 84 -17.65 -8.32 3.53
C ARG C 84 -16.60 -7.31 3.09
N GLN C 85 -16.88 -6.65 1.97
CA GLN C 85 -15.97 -5.65 1.44
C GLN C 85 -15.87 -4.49 2.39
N MET C 86 -17.00 -3.85 2.67
CA MET C 86 -17.04 -2.81 3.67
C MET C 86 -16.02 -3.08 4.76
N LYS C 87 -16.16 -4.29 5.31
CA LYS C 87 -15.32 -4.76 6.41
C LYS C 87 -13.87 -4.72 6.02
N GLU C 88 -13.49 -5.60 5.11
CA GLU C 88 -12.11 -5.63 4.64
C GLU C 88 -11.51 -4.25 4.36
N ASP C 89 -12.30 -3.37 3.75
CA ASP C 89 -11.80 -2.04 3.42
C ASP C 89 -11.34 -1.36 4.70
N ALA C 90 -12.28 -1.17 5.62
CA ALA C 90 -12.04 -0.53 6.91
C ALA C 90 -10.88 -1.16 7.69
N LYS C 91 -10.72 -2.47 7.57
CA LYS C 91 -9.64 -3.15 8.24
C LYS C 91 -8.32 -2.70 7.63
N GLY C 92 -8.21 -2.79 6.31
CA GLY C 92 -6.99 -2.38 5.65
C GLY C 92 -6.58 -0.96 5.98
N LYS C 93 -7.53 -0.03 5.90
CA LYS C 93 -7.29 1.39 6.18
C LYS C 93 -6.74 1.57 7.58
N SER C 94 -7.29 0.79 8.50
CA SER C 94 -6.87 0.88 9.88
C SER C 94 -5.42 0.47 10.04
N GLU C 95 -5.14 -0.79 9.76
CA GLU C 95 -3.78 -1.34 9.87
C GLU C 95 -2.74 -0.49 9.13
N GLU C 96 -3.14 0.10 8.00
CA GLU C 96 -2.22 0.95 7.25
C GLU C 96 -1.86 2.14 8.09
N GLU C 97 -2.87 2.87 8.57
CA GLU C 97 -2.62 4.03 9.41
C GLU C 97 -1.74 3.67 10.61
N LEU C 98 -2.14 2.67 11.36
CA LEU C 98 -1.35 2.29 12.50
C LEU C 98 0.08 1.96 12.07
N ALA C 99 0.19 1.20 10.99
CA ALA C 99 1.50 0.82 10.51
C ALA C 99 2.36 2.04 10.35
N ASN C 100 1.76 3.07 9.74
CA ASN C 100 2.44 4.34 9.51
C ASN C 100 2.78 5.02 10.81
N CYS C 101 1.84 5.02 11.73
CA CYS C 101 2.08 5.65 13.03
C CYS C 101 3.26 5.04 13.71
N PHE C 102 3.41 3.73 13.56
CA PHE C 102 4.50 3.05 14.20
C PHE C 102 5.84 3.50 13.63
N ARG C 103 5.86 3.80 12.35
CA ARG C 103 7.10 4.23 11.72
C ARG C 103 7.48 5.62 12.16
N ILE C 104 6.47 6.42 12.43
CA ILE C 104 6.68 7.78 12.87
C ILE C 104 7.17 7.81 14.30
N PHE C 105 6.57 6.95 15.11
CA PHE C 105 6.95 6.84 16.51
C PHE C 105 8.29 6.14 16.61
N ASP C 106 8.57 5.23 15.68
CA ASP C 106 9.83 4.50 15.72
C ASP C 106 11.04 5.42 15.56
N LYS C 107 10.94 6.36 14.59
CA LYS C 107 12.08 7.23 14.34
C LYS C 107 13.30 6.71 15.11
N ASN C 108 14.12 5.92 14.37
CA ASN C 108 15.17 5.17 15.04
C ASN C 108 15.56 3.94 14.20
N ALA C 109 14.54 3.33 13.56
CA ALA C 109 14.81 2.28 12.59
C ALA C 109 14.74 0.88 13.20
N ASP C 110 14.96 0.81 14.52
CA ASP C 110 15.21 -0.50 15.13
C ASP C 110 13.97 -1.41 15.16
N GLY C 111 12.87 -0.83 14.66
CA GLY C 111 11.63 -1.59 14.55
C GLY C 111 10.86 -1.74 15.84
N PHE C 112 11.28 -0.96 16.84
CA PHE C 112 10.67 -0.97 18.15
C PHE C 112 10.24 0.45 18.51
N ILE C 113 9.93 0.62 19.79
CA ILE C 113 9.53 1.90 20.33
C ILE C 113 9.94 1.83 21.80
N ASP C 114 11.13 2.33 22.11
CA ASP C 114 11.62 2.29 23.48
C ASP C 114 11.04 3.41 24.36
N ILE C 115 11.00 3.17 25.66
CA ILE C 115 10.47 4.13 26.61
C ILE C 115 10.91 5.57 26.30
N GLU C 116 12.08 5.71 25.70
CA GLU C 116 12.56 7.04 25.37
C GLU C 116 11.65 7.70 24.35
N GLU C 117 11.53 7.10 23.18
CA GLU C 117 10.69 7.63 22.10
C GLU C 117 9.25 7.74 22.54
N LEU C 118 8.78 6.75 23.28
CA LEU C 118 7.43 6.79 23.76
C LEU C 118 7.28 8.08 24.53
N GLY C 119 8.28 8.40 25.32
CA GLY C 119 8.17 9.62 26.07
C GLY C 119 8.11 10.78 25.10
N GLU C 120 9.14 10.90 24.28
CA GLU C 120 9.18 11.99 23.33
C GLU C 120 7.83 12.18 22.66
N ILE C 121 7.45 11.21 21.84
CA ILE C 121 6.18 11.29 21.13
C ILE C 121 5.05 11.71 22.05
N LEU C 122 5.00 11.14 23.23
CA LEU C 122 3.95 11.50 24.15
C LEU C 122 4.08 12.96 24.56
N ARG C 123 5.26 13.29 25.04
CA ARG C 123 5.55 14.64 25.47
C ARG C 123 5.32 15.55 24.25
N ALA C 124 5.51 15.01 23.06
CA ALA C 124 5.35 15.77 21.82
C ALA C 124 3.92 16.20 21.59
N THR C 125 3.01 15.55 22.29
CA THR C 125 1.62 15.92 22.15
C THR C 125 1.39 17.13 23.05
N GLY C 126 0.33 17.87 22.79
CA GLY C 126 0.08 19.01 23.65
C GLY C 126 -0.21 18.57 25.07
N GLU C 127 -0.82 17.41 25.23
CA GLU C 127 -1.17 16.90 26.54
C GLU C 127 -0.06 17.07 27.57
N HIS C 128 -0.45 17.08 28.85
CA HIS C 128 0.50 17.24 29.94
C HIS C 128 0.78 15.88 30.52
N VAL C 129 2.06 15.52 30.61
CA VAL C 129 2.41 14.24 31.17
C VAL C 129 3.71 14.26 31.94
N THR C 130 3.75 13.45 32.99
CA THR C 130 4.91 13.29 33.82
C THR C 130 5.48 11.89 33.55
N GLU C 131 6.78 11.69 33.78
CA GLU C 131 7.40 10.40 33.52
C GLU C 131 6.58 9.19 33.95
N GLU C 132 5.98 9.27 35.13
CA GLU C 132 5.19 8.15 35.63
C GLU C 132 4.18 7.68 34.58
N ASP C 133 3.50 8.63 33.93
CA ASP C 133 2.51 8.29 32.90
C ASP C 133 3.18 7.50 31.80
N ILE C 134 4.23 8.07 31.22
CA ILE C 134 4.98 7.40 30.16
C ILE C 134 5.36 5.97 30.54
N GLU C 135 6.12 5.81 31.62
CA GLU C 135 6.54 4.48 32.03
C GLU C 135 5.32 3.63 32.32
N ASP C 136 4.24 4.23 32.77
CA ASP C 136 3.07 3.42 33.01
C ASP C 136 2.56 2.82 31.71
N LEU C 137 2.35 3.68 30.71
CA LEU C 137 1.87 3.23 29.41
C LEU C 137 2.79 2.17 28.81
N MET C 138 4.08 2.27 29.09
CA MET C 138 5.02 1.31 28.57
C MET C 138 4.75 -0.03 29.23
N LYS C 139 4.70 -0.03 30.55
CA LYS C 139 4.47 -1.26 31.28
C LYS C 139 3.18 -1.95 30.89
N ASP C 140 2.16 -1.17 30.55
CA ASP C 140 0.88 -1.73 30.18
C ASP C 140 0.92 -2.30 28.77
N SER C 141 1.65 -1.61 27.90
CA SER C 141 1.77 -2.02 26.50
C SER C 141 2.74 -3.18 26.31
N ASP C 142 3.96 -3.03 26.82
CA ASP C 142 4.97 -4.09 26.68
C ASP C 142 4.54 -5.34 27.39
N LYS C 143 3.95 -6.28 26.63
CA LYS C 143 3.50 -7.54 27.20
C LYS C 143 4.63 -8.55 27.37
N ASN C 144 5.56 -8.60 26.42
CA ASN C 144 6.67 -9.54 26.52
C ASN C 144 7.77 -9.01 27.43
N ASN C 145 7.46 -7.98 28.19
CA ASN C 145 8.39 -7.39 29.14
C ASN C 145 9.87 -7.37 28.70
N ASP C 146 10.14 -6.76 27.55
CA ASP C 146 11.51 -6.70 27.07
C ASP C 146 11.95 -5.25 26.93
N GLY C 147 11.03 -4.36 27.31
CA GLY C 147 11.35 -2.95 27.28
C GLY C 147 10.83 -2.16 26.10
N ARG C 148 10.85 -2.75 24.92
CA ARG C 148 10.38 -2.06 23.71
C ARG C 148 8.91 -2.30 23.47
N ILE C 149 8.45 -1.93 22.29
CA ILE C 149 7.06 -2.16 21.92
C ILE C 149 7.10 -2.61 20.47
N ASP C 150 6.88 -3.89 20.20
CA ASP C 150 6.92 -4.37 18.82
C ASP C 150 5.65 -4.00 18.06
N PHE C 151 5.70 -4.09 16.74
CA PHE C 151 4.54 -3.75 15.95
C PHE C 151 3.28 -4.48 16.42
N ASP C 152 3.43 -5.76 16.74
CA ASP C 152 2.29 -6.54 17.20
C ASP C 152 1.66 -5.85 18.40
N GLU C 153 2.46 -5.59 19.43
CA GLU C 153 1.99 -4.93 20.63
C GLU C 153 1.40 -3.57 20.32
N PHE C 154 2.05 -2.85 19.42
CA PHE C 154 1.55 -1.55 19.04
C PHE C 154 0.13 -1.68 18.46
N LEU C 155 -0.10 -2.72 17.67
CA LEU C 155 -1.42 -2.96 17.09
C LEU C 155 -2.36 -3.19 18.25
N LYS C 156 -1.96 -4.05 19.16
CA LYS C 156 -2.77 -4.35 20.34
C LYS C 156 -3.06 -3.10 21.17
N MET C 157 -2.01 -2.42 21.64
CA MET C 157 -2.19 -1.25 22.47
C MET C 157 -3.08 -0.20 21.83
N MET C 158 -2.94 -0.01 20.54
CA MET C 158 -3.77 0.99 19.87
C MET C 158 -5.13 0.43 19.49
N GLU C 159 -5.32 -0.86 19.75
CA GLU C 159 -6.58 -1.51 19.44
C GLU C 159 -7.71 -0.79 20.17
N GLY C 160 -8.62 -0.21 19.41
CA GLY C 160 -9.73 0.49 20.02
C GLY C 160 -9.70 2.00 19.85
N VAL C 161 -8.55 2.62 20.07
CA VAL C 161 -8.45 4.06 19.92
C VAL C 161 -8.74 4.44 18.48
N GLN C 162 -9.76 5.27 18.27
CA GLN C 162 -10.16 5.74 16.93
C GLN C 162 -9.80 4.72 15.86
#